data_3QGI
#
_entry.id   3QGI
#
_cell.length_a   61.400
_cell.length_b   84.300
_cell.length_c   132.300
_cell.angle_alpha   90.00
_cell.angle_beta   90.00
_cell.angle_gamma   90.00
#
_symmetry.space_group_name_H-M   'P 21 21 21'
#
loop_
_entity.id
_entity.type
_entity.pdbx_description
1 polymer 'RNA-directed RNA polymerase'
2 non-polymer N-[(2S)-butan-2-yl]-6-[(3R)-3-{[4-(trifluoromethoxy)benzyl]carbamoyl}-4-{[4-(trifluoromethoxy)phenyl]sulfonyl}piperazin-1-yl]pyridazine-3-carboxamide
3 non-polymer GLYCEROL
4 water water
#
_entity_poly.entity_id   1
_entity_poly.type   'polypeptide(L)'
_entity_poly.pdbx_seq_one_letter_code
;ASMSYSWTGALVTPCAAEEQKLPINALSNSLLRHHNLVYSTTSRSACQRQKKVTFDRLQVLDSHYQDVLKEVKAAASKVK
ANLLSVEEACSLTPPHSAKSKFGYGAKDVRCHARKAVAHINSVWKDLLEDSVTPIDTTIMAKNEVFCVQPEKGGRKPARL
IVFPDLGVRVCEKMALYDVVSKLPLAVMGSSYGFQYSPGQRVEFLVQAWKSKKTPMGFSYDTRCFDSTVTESDIRTEEAI
YQCCDLDPQARVAIKSLTERLYVGGPLTNSRGENCGYRRCRASGVLTTSCGNTLTCYIKARAACRAAGLQDCTMLVCGDD
LVVICESAGVQEDAASLRAFTEAMTRYSAPPGDPPQPEYDLELITSCSSNVSVAHDGAGKRVYYLTRDPTTPLARAAWET
ARHTPVNSWLGNIIMFAPTLWARMILMTHFFSVLIARDQLEQALNCEIYGACYSIEPLDLPPIIQRLHGLSAFSLHSYSP
GEINRVAACLRKLGVPPLRAWRHRARSVRARLLSRGGRAAICGKYLFNWAVRTKLKLTPIAAAGRLDLSGWFTAGYSGGD
IYHSVSHARPR
;
_entity_poly.pdbx_strand_id   A
#
# COMPACT_ATOMS: atom_id res chain seq x y z
N SER A 2 -4.93 -8.75 -26.58
CA SER A 2 -4.74 -7.34 -26.90
C SER A 2 -3.53 -6.79 -26.17
N MET A 3 -2.91 -5.72 -26.70
CA MET A 3 -1.78 -5.04 -26.05
C MET A 3 -2.32 -4.31 -24.83
N SER A 4 -1.59 -4.38 -23.70
CA SER A 4 -1.99 -3.68 -22.46
C SER A 4 -2.13 -2.17 -22.70
N TYR A 5 -1.22 -1.61 -23.53
CA TYR A 5 -1.25 -0.19 -23.95
C TYR A 5 -0.84 -0.04 -25.40
N SER A 6 -1.32 1.04 -26.06
CA SER A 6 -0.88 1.46 -27.40
C SER A 6 -0.50 2.93 -27.20
N TRP A 7 0.65 3.35 -27.73
CA TRP A 7 1.12 4.72 -27.48
C TRP A 7 1.19 5.55 -28.75
N THR A 8 1.09 6.88 -28.62
CA THR A 8 1.15 7.82 -29.76
C THR A 8 2.51 8.49 -30.02
N GLY A 9 3.40 8.46 -29.05
CA GLY A 9 4.65 9.21 -29.23
C GLY A 9 4.62 10.51 -28.45
N ALA A 10 3.42 10.97 -27.99
CA ALA A 10 3.36 12.16 -27.13
C ALA A 10 3.99 11.71 -25.80
N LEU A 11 4.65 12.61 -25.10
CA LEU A 11 5.32 12.20 -23.87
C LEU A 11 4.42 12.26 -22.66
N VAL A 12 4.81 11.56 -21.58
CA VAL A 12 4.15 11.73 -20.28
C VAL A 12 4.84 12.98 -19.73
N THR A 13 4.06 14.03 -19.51
CA THR A 13 4.59 15.34 -19.14
C THR A 13 4.34 15.67 -17.67
N PRO A 14 5.22 16.49 -17.04
CA PRO A 14 4.96 16.92 -15.66
C PRO A 14 3.95 18.07 -15.57
N CYS A 15 3.53 18.42 -14.35
CA CYS A 15 2.64 19.55 -14.06
C CYS A 15 3.47 20.74 -13.56
N ALA A 16 4.41 20.44 -12.66
CA ALA A 16 5.34 21.36 -12.01
C ALA A 16 6.76 20.81 -12.17
N ALA A 17 7.79 21.61 -11.81
CA ALA A 17 9.18 21.17 -11.89
C ALA A 17 9.34 19.94 -11.01
N GLU A 18 10.19 19.01 -11.43
CA GLU A 18 10.39 17.79 -10.66
C GLU A 18 11.84 17.68 -10.22
N GLU A 19 12.08 17.74 -8.90
CA GLU A 19 13.42 17.61 -8.34
C GLU A 19 13.87 16.15 -8.43
N GLN A 20 15.09 15.91 -8.92
CA GLN A 20 15.63 14.55 -9.06
C GLN A 20 16.54 14.19 -7.90
N LYS A 21 17.33 15.14 -7.42
CA LYS A 21 18.34 14.91 -6.39
C LYS A 21 17.83 15.27 -5.02
N LEU A 22 18.25 14.51 -4.00
CA LEU A 22 17.89 14.79 -2.62
C LEU A 22 18.37 16.19 -2.22
N PRO A 23 17.44 17.12 -1.88
CA PRO A 23 17.86 18.45 -1.43
C PRO A 23 18.59 18.31 -0.10
N ILE A 24 19.51 19.23 0.17
CA ILE A 24 20.23 19.13 1.43
C ILE A 24 19.90 20.26 2.38
N ASN A 25 19.68 19.91 3.65
CA ASN A 25 19.60 20.82 4.77
C ASN A 25 20.26 20.13 5.95
N ALA A 26 20.67 20.89 6.95
CA ALA A 26 21.37 20.33 8.11
C ALA A 26 20.59 19.20 8.78
N LEU A 27 19.27 19.37 8.99
CA LEU A 27 18.50 18.30 9.65
C LEU A 27 18.38 17.03 8.82
N SER A 28 18.15 17.15 7.50
CA SER A 28 18.07 15.93 6.70
C SER A 28 19.43 15.26 6.66
N ASN A 29 20.52 16.06 6.55
CA ASN A 29 21.90 15.53 6.57
C ASN A 29 22.24 14.80 7.92
N SER A 30 21.60 15.21 9.03
CA SER A 30 21.86 14.58 10.34
C SER A 30 21.32 13.17 10.37
N LEU A 31 20.35 12.87 9.48
CA LEU A 31 19.81 11.52 9.34
C LEU A 31 20.65 10.74 8.34
N LEU A 32 20.94 11.34 7.16
CA LEU A 32 21.59 10.62 6.07
C LEU A 32 22.53 11.57 5.32
N ARG A 33 23.79 11.18 5.23
CA ARG A 33 24.81 12.02 4.58
C ARG A 33 25.14 11.66 3.14
N HIS A 34 24.89 10.42 2.69
CA HIS A 34 25.27 10.07 1.32
C HIS A 34 24.14 10.47 0.37
N HIS A 35 23.88 11.78 0.28
CA HIS A 35 22.76 12.34 -0.47
C HIS A 35 22.75 11.99 -1.97
N ASN A 36 23.94 11.76 -2.57
CA ASN A 36 24.03 11.44 -4.00
C ASN A 36 23.49 10.04 -4.33
N LEU A 37 23.26 9.19 -3.29
CA LEU A 37 22.67 7.86 -3.51
C LEU A 37 21.14 7.94 -3.55
N VAL A 38 20.55 9.06 -3.08
CA VAL A 38 19.09 9.19 -2.97
C VAL A 38 18.54 9.99 -4.15
N TYR A 39 17.51 9.46 -4.83
CA TYR A 39 16.92 10.16 -5.97
C TYR A 39 15.41 10.06 -5.95
N SER A 40 14.75 10.95 -6.70
CA SER A 40 13.31 10.83 -6.92
C SER A 40 13.06 10.43 -8.39
N THR A 41 12.08 9.56 -8.65
CA THR A 41 11.72 9.23 -10.05
C THR A 41 10.98 10.48 -10.57
N THR A 42 11.05 10.73 -11.88
CA THR A 42 10.39 11.88 -12.49
C THR A 42 9.87 11.43 -13.88
N SER A 43 9.14 12.32 -14.57
CA SER A 43 8.65 12.06 -15.93
C SER A 43 9.77 11.76 -16.92
N ARG A 44 11.03 12.14 -16.59
CA ARG A 44 12.16 11.90 -17.48
C ARG A 44 12.38 10.43 -17.82
N SER A 45 11.93 9.51 -16.92
CA SER A 45 12.07 8.06 -17.14
C SER A 45 10.72 7.38 -17.50
N ALA A 46 9.67 8.15 -17.81
CA ALA A 46 8.37 7.56 -18.15
C ALA A 46 8.48 6.63 -19.36
N CYS A 47 9.27 7.03 -20.39
CA CYS A 47 9.44 6.18 -21.60
C CYS A 47 9.97 4.81 -21.24
N GLN A 48 10.96 4.73 -20.33
CA GLN A 48 11.51 3.45 -19.89
C GLN A 48 10.41 2.61 -19.25
N ARG A 49 9.57 3.22 -18.39
CA ARG A 49 8.48 2.45 -17.76
C ARG A 49 7.46 1.98 -18.81
N GLN A 50 7.09 2.83 -19.77
CA GLN A 50 6.13 2.48 -20.81
C GLN A 50 6.52 1.18 -21.53
N LYS A 51 7.82 1.00 -21.81
CA LYS A 51 8.30 -0.22 -22.51
C LYS A 51 8.08 -1.49 -21.69
N LYS A 52 8.25 -1.40 -20.36
CA LYS A 52 8.09 -2.57 -19.48
C LYS A 52 6.61 -2.95 -19.26
N VAL A 53 5.73 -1.94 -19.23
CA VAL A 53 4.30 -2.18 -18.92
C VAL A 53 3.46 -2.51 -20.14
N THR A 54 4.07 -2.43 -21.33
CA THR A 54 3.39 -2.66 -22.58
C THR A 54 3.71 -4.03 -23.10
N PHE A 55 2.68 -4.87 -23.22
CA PHE A 55 2.83 -6.22 -23.72
C PHE A 55 1.50 -6.84 -24.06
N ASP A 56 1.54 -7.89 -24.87
CA ASP A 56 0.36 -8.66 -25.21
C ASP A 56 -0.02 -9.54 -24.01
N ARG A 57 -1.29 -9.95 -23.94
CA ARG A 57 -1.67 -10.81 -22.83
C ARG A 57 -2.12 -12.15 -23.37
N LEU A 58 -1.74 -13.23 -22.67
CA LEU A 58 -2.10 -14.61 -23.01
C LEU A 58 -3.12 -15.00 -21.98
N GLN A 59 -4.35 -15.35 -22.39
CA GLN A 59 -5.31 -15.82 -21.41
C GLN A 59 -6.08 -17.06 -21.86
N VAL A 60 -5.79 -18.18 -21.20
CA VAL A 60 -6.44 -19.47 -21.45
C VAL A 60 -7.01 -19.92 -20.10
N LEU A 61 -8.32 -19.84 -19.95
CA LEU A 61 -8.95 -20.25 -18.71
C LEU A 61 -9.34 -21.71 -18.81
N ASP A 62 -9.24 -22.43 -17.69
CA ASP A 62 -9.55 -23.85 -17.65
C ASP A 62 -10.56 -24.12 -16.56
N SER A 63 -10.88 -25.39 -16.32
CA SER A 63 -11.86 -25.77 -15.31
C SER A 63 -11.50 -25.34 -13.90
N HIS A 64 -10.20 -25.36 -13.53
CA HIS A 64 -9.77 -24.95 -12.17
C HIS A 64 -10.12 -23.47 -11.95
N TYR A 65 -9.89 -22.62 -12.98
CA TYR A 65 -10.26 -21.22 -12.92
C TYR A 65 -11.79 -21.08 -12.80
N GLN A 66 -12.52 -21.80 -13.66
CA GLN A 66 -13.99 -21.68 -13.66
C GLN A 66 -14.61 -22.13 -12.34
N ASP A 67 -14.02 -23.17 -11.70
CA ASP A 67 -14.49 -23.68 -10.40
C ASP A 67 -14.37 -22.61 -9.34
N VAL A 68 -13.21 -21.93 -9.31
CA VAL A 68 -12.97 -20.90 -8.32
C VAL A 68 -13.92 -19.73 -8.57
N LEU A 69 -14.09 -19.34 -9.84
CA LEU A 69 -14.97 -18.21 -10.13
C LEU A 69 -16.42 -18.47 -9.66
N LYS A 70 -16.91 -19.70 -9.85
CA LYS A 70 -18.25 -20.08 -9.37
C LYS A 70 -18.34 -19.91 -7.85
N GLU A 71 -17.30 -20.35 -7.08
CA GLU A 71 -17.28 -20.19 -5.61
C GLU A 71 -17.35 -18.72 -5.25
N VAL A 72 -16.56 -17.90 -5.95
CA VAL A 72 -16.48 -16.46 -5.69
C VAL A 72 -17.84 -15.78 -5.92
N LYS A 73 -18.48 -16.08 -7.07
CA LYS A 73 -19.81 -15.51 -7.37
C LYS A 73 -20.85 -15.95 -6.34
N ALA A 74 -20.81 -17.23 -5.92
CA ALA A 74 -21.74 -17.71 -4.88
C ALA A 74 -21.52 -16.93 -3.54
N ALA A 75 -20.25 -16.69 -3.15
CA ALA A 75 -19.93 -15.96 -1.91
C ALA A 75 -20.38 -14.52 -2.00
N ALA A 76 -20.19 -13.90 -3.18
CA ALA A 76 -20.55 -12.50 -3.40
C ALA A 76 -22.05 -12.28 -3.23
N SER A 77 -22.88 -13.29 -3.59
CA SER A 77 -24.35 -13.23 -3.48
C SER A 77 -24.86 -13.01 -2.06
N LYS A 78 -24.02 -13.20 -1.04
CA LYS A 78 -24.39 -13.00 0.36
C LYS A 78 -24.25 -11.54 0.81
N VAL A 79 -23.60 -10.72 -0.02
CA VAL A 79 -23.31 -9.33 0.29
C VAL A 79 -24.43 -8.40 -0.08
N LYS A 80 -24.78 -7.48 0.83
CA LYS A 80 -25.68 -6.38 0.54
C LYS A 80 -24.80 -5.13 0.62
N ALA A 81 -24.79 -4.33 -0.44
CA ALA A 81 -23.98 -3.10 -0.44
C ALA A 81 -24.84 -1.95 -0.84
N ASN A 82 -24.57 -0.79 -0.27
CA ASN A 82 -25.41 0.36 -0.54
C ASN A 82 -24.72 1.44 -1.30
N LEU A 83 -25.53 2.28 -1.92
CA LEU A 83 -25.06 3.46 -2.64
C LEU A 83 -24.62 4.48 -1.57
N LEU A 84 -23.49 5.18 -1.78
CA LEU A 84 -23.07 6.25 -0.86
C LEU A 84 -23.68 7.54 -1.39
N SER A 85 -24.11 8.41 -0.48
CA SER A 85 -24.59 9.74 -0.84
C SER A 85 -23.38 10.52 -1.38
N VAL A 86 -23.62 11.60 -2.15
CA VAL A 86 -22.53 12.43 -2.66
C VAL A 86 -21.70 12.93 -1.46
N GLU A 87 -22.37 13.36 -0.37
CA GLU A 87 -21.68 13.87 0.83
C GLU A 87 -20.70 12.87 1.43
N GLU A 88 -21.12 11.59 1.61
CA GLU A 88 -20.19 10.60 2.17
C GLU A 88 -19.02 10.35 1.22
N ALA A 89 -19.28 10.25 -0.09
CA ALA A 89 -18.24 10.06 -1.11
C ALA A 89 -17.27 11.27 -1.10
N CYS A 90 -17.80 12.48 -0.92
CA CYS A 90 -16.96 13.68 -0.84
C CYS A 90 -16.01 13.60 0.37
N SER A 91 -16.55 13.22 1.54
CA SER A 91 -15.77 13.13 2.78
C SER A 91 -14.68 12.06 2.73
N LEU A 92 -14.84 11.06 1.85
CA LEU A 92 -13.82 10.02 1.67
C LEU A 92 -12.71 10.37 0.69
N THR A 93 -12.79 11.55 0.05
CA THR A 93 -11.77 11.95 -0.92
C THR A 93 -10.51 12.35 -0.15
N PRO A 94 -9.36 11.76 -0.48
CA PRO A 94 -8.13 12.14 0.24
C PRO A 94 -7.73 13.59 0.02
N PRO A 95 -7.04 14.21 0.98
CA PRO A 95 -6.60 15.58 0.76
C PRO A 95 -5.50 15.55 -0.28
N HIS A 96 -5.36 16.61 -1.04
CA HIS A 96 -4.29 16.72 -2.03
C HIS A 96 -4.39 15.81 -3.27
N SER A 97 -5.53 15.07 -3.49
CA SER A 97 -5.63 14.31 -4.73
C SER A 97 -5.78 15.31 -5.90
N ALA A 98 -5.48 14.89 -7.14
CA ALA A 98 -5.48 15.79 -8.30
C ALA A 98 -6.75 16.61 -8.43
N LYS A 99 -6.62 17.93 -8.58
CA LYS A 99 -7.82 18.78 -8.75
C LYS A 99 -8.60 18.42 -10.04
N SER A 100 -9.87 18.83 -10.08
CA SER A 100 -10.71 18.59 -11.25
C SER A 100 -10.33 19.60 -12.34
N LYS A 101 -10.51 19.26 -13.63
CA LYS A 101 -10.30 20.23 -14.70
C LYS A 101 -11.53 21.15 -14.81
N PHE A 102 -12.58 20.88 -13.97
CA PHE A 102 -13.84 21.61 -13.96
C PHE A 102 -14.01 22.66 -12.84
N GLY A 103 -12.89 23.24 -12.42
CA GLY A 103 -12.84 24.38 -11.49
C GLY A 103 -12.95 24.16 -10.00
N TYR A 104 -12.57 22.97 -9.50
CA TYR A 104 -12.56 22.70 -8.04
C TYR A 104 -11.51 21.67 -7.73
N GLY A 105 -11.11 21.57 -6.46
CA GLY A 105 -10.07 20.62 -6.05
C GLY A 105 -10.53 19.74 -4.93
N ALA A 106 -9.63 18.88 -4.43
CA ALA A 106 -9.94 17.94 -3.34
C ALA A 106 -10.42 18.67 -2.09
N LYS A 107 -9.83 19.85 -1.79
CA LYS A 107 -10.26 20.61 -0.59
C LYS A 107 -11.74 21.04 -0.73
N ASP A 108 -12.15 21.51 -1.92
CA ASP A 108 -13.56 21.86 -2.18
C ASP A 108 -14.43 20.63 -2.00
N VAL A 109 -14.00 19.47 -2.57
CA VAL A 109 -14.80 18.24 -2.43
C VAL A 109 -14.98 17.87 -0.94
N ARG A 110 -13.87 17.79 -0.19
CA ARG A 110 -13.90 17.43 1.24
C ARG A 110 -14.77 18.36 2.08
N CYS A 111 -14.86 19.65 1.66
CA CYS A 111 -15.65 20.69 2.34
C CYS A 111 -17.12 20.66 1.92
N HIS A 112 -17.46 19.81 0.91
CA HIS A 112 -18.80 19.67 0.32
C HIS A 112 -19.19 21.00 -0.36
N ALA A 113 -18.20 21.66 -1.03
CA ALA A 113 -18.44 22.96 -1.71
C ALA A 113 -19.54 22.80 -2.74
N ARG A 114 -20.46 23.79 -2.81
CA ARG A 114 -21.59 23.69 -3.74
C ARG A 114 -21.16 23.49 -5.20
N LYS A 115 -20.09 24.15 -5.64
CA LYS A 115 -19.62 24.01 -7.03
C LYS A 115 -19.16 22.56 -7.31
N ALA A 116 -18.43 21.97 -6.34
CA ALA A 116 -17.93 20.60 -6.49
C ALA A 116 -19.13 19.64 -6.51
N VAL A 117 -20.08 19.78 -5.54
CA VAL A 117 -21.24 18.90 -5.46
C VAL A 117 -22.10 18.95 -6.72
N ALA A 118 -22.33 20.15 -7.26
CA ALA A 118 -23.14 20.31 -8.47
C ALA A 118 -22.47 19.59 -9.66
N HIS A 119 -21.12 19.72 -9.80
CA HIS A 119 -20.45 19.05 -10.91
C HIS A 119 -20.48 17.53 -10.73
N ILE A 120 -20.19 17.05 -9.51
CA ILE A 120 -20.24 15.61 -9.20
C ILE A 120 -21.62 15.04 -9.55
N ASN A 121 -22.71 15.75 -9.18
CA ASN A 121 -24.07 15.31 -9.50
C ASN A 121 -24.28 15.18 -11.02
N SER A 122 -23.67 16.09 -11.80
CA SER A 122 -23.81 16.08 -13.25
C SER A 122 -23.06 14.88 -13.84
N VAL A 123 -21.88 14.56 -13.25
CA VAL A 123 -21.10 13.39 -13.70
C VAL A 123 -21.93 12.13 -13.38
N TRP A 124 -22.56 12.09 -12.19
CA TRP A 124 -23.41 10.95 -11.79
C TRP A 124 -24.55 10.74 -12.78
N LYS A 125 -25.30 11.83 -13.10
CA LYS A 125 -26.43 11.75 -14.03
C LYS A 125 -25.93 11.22 -15.38
N ASP A 126 -24.75 11.65 -15.83
CA ASP A 126 -24.17 11.18 -17.09
C ASP A 126 -23.84 9.68 -17.04
N LEU A 127 -23.32 9.17 -15.89
CA LEU A 127 -23.07 7.71 -15.77
C LEU A 127 -24.37 6.91 -15.86
N LEU A 128 -25.48 7.47 -15.35
CA LEU A 128 -26.79 6.81 -15.42
C LEU A 128 -27.37 6.84 -16.84
N GLU A 129 -27.04 7.87 -17.63
CA GLU A 129 -27.60 8.06 -18.96
C GLU A 129 -26.80 7.49 -20.11
N ASP A 130 -25.48 7.35 -19.94
CA ASP A 130 -24.58 6.88 -20.99
C ASP A 130 -23.75 5.71 -20.42
N SER A 131 -23.90 4.55 -21.02
CA SER A 131 -23.22 3.34 -20.54
C SER A 131 -22.03 2.97 -21.42
N VAL A 132 -21.70 3.81 -22.43
CA VAL A 132 -20.69 3.40 -23.41
C VAL A 132 -19.52 4.33 -23.74
N THR A 133 -19.74 5.67 -23.74
CA THR A 133 -18.70 6.60 -24.20
C THR A 133 -17.46 6.54 -23.32
N PRO A 134 -16.28 6.20 -23.87
CA PRO A 134 -15.06 6.15 -23.03
C PRO A 134 -14.82 7.43 -22.28
N ILE A 135 -14.44 7.29 -21.01
CA ILE A 135 -14.16 8.43 -20.14
C ILE A 135 -12.66 8.70 -20.25
N ASP A 136 -12.29 9.99 -20.36
CA ASP A 136 -10.89 10.37 -20.46
CA ASP A 136 -10.91 10.44 -20.44
C ASP A 136 -10.14 10.11 -19.17
N THR A 137 -8.84 9.84 -19.29
CA THR A 137 -7.98 9.64 -18.13
C THR A 137 -6.70 10.45 -18.33
N THR A 138 -6.04 10.80 -17.24
CA THR A 138 -4.76 11.46 -17.30
C THR A 138 -3.70 10.42 -16.95
N ILE A 139 -2.55 10.49 -17.60
CA ILE A 139 -1.41 9.67 -17.26
C ILE A 139 -0.31 10.61 -16.71
N MET A 140 0.26 10.25 -15.55
CA MET A 140 1.33 11.03 -14.92
C MET A 140 2.43 10.08 -14.49
N ALA A 141 3.66 10.59 -14.35
CA ALA A 141 4.78 9.78 -13.87
C ALA A 141 4.87 10.02 -12.37
N LYS A 142 4.77 8.96 -11.58
CA LYS A 142 4.81 9.12 -10.12
C LYS A 142 6.23 9.56 -9.69
N ASN A 143 6.31 10.52 -8.75
CA ASN A 143 7.59 10.98 -8.19
C ASN A 143 7.76 10.28 -6.82
N GLU A 144 8.63 9.26 -6.76
CA GLU A 144 8.88 8.48 -5.53
C GLU A 144 10.35 8.42 -5.31
N VAL A 145 10.74 8.29 -4.05
CA VAL A 145 12.12 8.33 -3.65
C VAL A 145 12.72 6.96 -3.38
N PHE A 146 13.94 6.75 -3.88
CA PHE A 146 14.66 5.49 -3.69
C PHE A 146 16.14 5.75 -3.45
N CYS A 147 16.87 4.69 -3.04
CA CYS A 147 18.32 4.69 -2.97
C CYS A 147 18.82 3.92 -4.22
N VAL A 148 19.87 4.41 -4.86
CA VAL A 148 20.44 3.74 -6.04
C VAL A 148 20.83 2.27 -5.67
N GLN A 149 20.72 1.32 -6.62
CA GLN A 149 21.04 -0.08 -6.34
C GLN A 149 22.35 -0.59 -7.00
N PRO A 150 22.94 -1.75 -6.58
CA PRO A 150 24.17 -2.21 -7.27
C PRO A 150 23.87 -2.85 -8.63
N GLU A 151 22.98 -3.88 -8.66
CA GLU A 151 22.59 -4.57 -9.88
C GLU A 151 21.32 -3.96 -10.50
N LYS A 152 21.49 -2.81 -11.21
CA LYS A 152 20.46 -2.04 -11.92
C LYS A 152 21.12 -0.80 -12.54
N ARG A 155 18.89 2.74 -12.12
CA ARG A 155 17.83 3.40 -11.37
C ARG A 155 16.47 2.96 -11.83
N LYS A 156 15.48 2.98 -10.93
CA LYS A 156 14.12 2.57 -11.26
C LYS A 156 13.43 3.66 -12.09
N PRO A 157 12.76 3.31 -13.22
CA PRO A 157 11.95 4.34 -13.90
C PRO A 157 10.68 4.62 -13.07
N ALA A 158 10.09 5.79 -13.28
CA ALA A 158 8.86 6.23 -12.59
C ALA A 158 7.70 5.30 -12.89
N ARG A 159 6.85 5.00 -11.90
CA ARG A 159 5.60 4.26 -12.14
C ARG A 159 4.65 5.22 -12.87
N LEU A 160 3.75 4.67 -13.68
CA LEU A 160 2.78 5.47 -14.40
C LEU A 160 1.41 5.39 -13.69
N ILE A 161 0.84 6.53 -13.39
CA ILE A 161 -0.45 6.59 -12.73
C ILE A 161 -1.49 7.05 -13.72
N VAL A 162 -2.60 6.31 -13.82
CA VAL A 162 -3.68 6.59 -14.77
C VAL A 162 -4.95 6.83 -13.96
N PHE A 163 -5.56 8.00 -14.11
CA PHE A 163 -6.71 8.34 -13.30
C PHE A 163 -7.73 9.19 -14.04
N PRO A 164 -9.04 8.96 -13.79
CA PRO A 164 -10.06 9.84 -14.38
C PRO A 164 -10.13 11.15 -13.59
N ASP A 165 -10.97 12.11 -14.03
CA ASP A 165 -11.11 13.40 -13.33
C ASP A 165 -11.72 13.21 -11.94
N LEU A 166 -11.43 14.15 -11.04
CA LEU A 166 -11.90 14.15 -9.66
C LEU A 166 -13.42 13.90 -9.52
N GLY A 167 -14.24 14.53 -10.36
CA GLY A 167 -15.69 14.34 -10.30
C GLY A 167 -16.06 12.87 -10.51
N VAL A 168 -15.41 12.22 -11.49
CA VAL A 168 -15.62 10.78 -11.75
C VAL A 168 -15.16 9.99 -10.50
N ARG A 169 -14.00 10.35 -9.92
CA ARG A 169 -13.49 9.62 -8.74
C ARG A 169 -14.48 9.60 -7.57
N VAL A 170 -15.18 10.70 -7.36
CA VAL A 170 -16.18 10.79 -6.29
C VAL A 170 -17.34 9.88 -6.66
N CYS A 171 -17.78 9.89 -7.93
CA CYS A 171 -18.87 9.01 -8.40
C CYS A 171 -18.51 7.56 -8.22
N GLU A 172 -17.22 7.21 -8.40
CA GLU A 172 -16.79 5.82 -8.20
C GLU A 172 -17.09 5.39 -6.75
N LYS A 173 -16.82 6.27 -5.78
CA LYS A 173 -17.10 5.98 -4.37
C LYS A 173 -18.59 5.85 -4.13
N MET A 174 -19.41 6.72 -4.75
CA MET A 174 -20.88 6.62 -4.60
C MET A 174 -21.36 5.24 -5.02
N ALA A 175 -20.90 4.78 -6.17
CA ALA A 175 -21.34 3.52 -6.74
C ALA A 175 -20.73 2.30 -6.09
N LEU A 176 -19.45 2.39 -5.67
CA LEU A 176 -18.70 1.19 -5.26
C LEU A 176 -17.98 1.15 -3.94
N TYR A 177 -17.86 2.28 -3.23
CA TYR A 177 -17.08 2.21 -1.99
C TYR A 177 -17.61 1.12 -1.03
N ASP A 178 -18.94 1.01 -0.87
CA ASP A 178 -19.51 0.02 0.04
C ASP A 178 -19.33 -1.40 -0.48
N VAL A 179 -19.25 -1.54 -1.80
CA VAL A 179 -19.01 -2.84 -2.43
C VAL A 179 -17.57 -3.29 -2.14
N VAL A 180 -16.58 -2.42 -2.46
CA VAL A 180 -15.16 -2.73 -2.24
C VAL A 180 -14.82 -2.94 -0.76
N SER A 181 -15.56 -2.24 0.13
CA SER A 181 -15.36 -2.34 1.58
C SER A 181 -15.83 -3.68 2.17
N LYS A 182 -16.75 -4.39 1.48
CA LYS A 182 -17.37 -5.63 2.00
C LYS A 182 -17.04 -6.89 1.24
N LEU A 183 -16.87 -6.77 -0.07
CA LEU A 183 -16.74 -7.93 -0.94
C LEU A 183 -15.50 -8.82 -0.70
N PRO A 184 -14.27 -8.29 -0.60
CA PRO A 184 -13.11 -9.19 -0.41
C PRO A 184 -13.21 -10.09 0.82
N LEU A 185 -13.63 -9.55 1.98
CA LEU A 185 -13.79 -10.41 3.17
C LEU A 185 -14.86 -11.46 2.93
N ALA A 186 -15.98 -11.09 2.27
CA ALA A 186 -17.07 -12.05 2.02
C ALA A 186 -16.62 -13.21 1.13
N VAL A 187 -15.77 -12.93 0.15
CA VAL A 187 -15.30 -13.87 -0.85
C VAL A 187 -14.13 -14.72 -0.38
N MET A 188 -13.17 -14.11 0.33
CA MET A 188 -11.89 -14.73 0.66
C MET A 188 -11.68 -15.10 2.12
N GLY A 189 -12.50 -14.55 3.00
CA GLY A 189 -12.39 -14.81 4.43
C GLY A 189 -11.02 -14.45 4.96
N SER A 190 -10.40 -15.38 5.71
CA SER A 190 -9.09 -15.11 6.33
C SER A 190 -7.92 -14.83 5.36
N SER A 191 -8.08 -15.17 4.08
CA SER A 191 -7.07 -14.91 3.05
C SER A 191 -7.01 -13.44 2.66
N TYR A 192 -8.05 -12.66 3.04
CA TYR A 192 -8.10 -11.21 2.73
C TYR A 192 -7.09 -10.43 3.60
N GLY A 193 -6.00 -10.00 2.98
CA GLY A 193 -4.90 -9.36 3.70
C GLY A 193 -5.17 -8.01 4.34
N PHE A 194 -6.01 -7.19 3.73
CA PHE A 194 -6.24 -5.81 4.21
C PHE A 194 -7.02 -5.66 5.49
N GLN A 195 -7.57 -6.77 6.01
CA GLN A 195 -8.30 -6.74 7.28
C GLN A 195 -7.33 -6.76 8.48
N TYR A 196 -6.02 -7.03 8.22
CA TYR A 196 -5.06 -7.22 9.30
C TYR A 196 -4.15 -6.06 9.57
N SER A 197 -3.82 -5.90 10.85
CA SER A 197 -2.78 -5.00 11.29
C SER A 197 -1.45 -5.80 11.06
N PRO A 198 -0.27 -5.17 11.20
CA PRO A 198 1.00 -5.92 11.08
C PRO A 198 1.08 -7.10 12.08
N GLY A 199 0.62 -6.89 13.32
CA GLY A 199 0.58 -7.90 14.37
C GLY A 199 -0.33 -9.06 13.99
N GLN A 200 -1.48 -8.75 13.38
CA GLN A 200 -2.41 -9.80 12.97
C GLN A 200 -1.89 -10.56 11.76
N ARG A 201 -1.20 -9.86 10.84
CA ARG A 201 -0.61 -10.48 9.65
C ARG A 201 0.49 -11.47 10.09
N VAL A 202 1.36 -11.03 11.02
CA VAL A 202 2.45 -11.91 11.48
C VAL A 202 1.86 -13.14 12.17
N GLU A 203 0.81 -12.95 13.02
CA GLU A 203 0.12 -14.04 13.73
C GLU A 203 -0.44 -15.02 12.70
N PHE A 204 -1.07 -14.49 11.63
CA PHE A 204 -1.64 -15.31 10.54
C PHE A 204 -0.54 -16.16 9.90
N LEU A 205 0.58 -15.54 9.52
CA LEU A 205 1.66 -16.26 8.85
C LEU A 205 2.29 -17.31 9.73
N VAL A 206 2.55 -16.97 11.00
CA VAL A 206 3.18 -17.89 11.95
C VAL A 206 2.27 -19.09 12.20
N GLN A 207 0.96 -18.84 12.43
CA GLN A 207 -0.01 -19.93 12.65
C GLN A 207 -0.12 -20.81 11.42
N ALA A 208 -0.19 -20.22 10.20
CA ALA A 208 -0.24 -20.97 8.94
C ALA A 208 1.00 -21.88 8.82
N TRP A 209 2.20 -21.31 9.04
CA TRP A 209 3.49 -22.03 9.02
C TRP A 209 3.47 -23.20 9.98
N LYS A 210 3.07 -22.95 11.24
CA LYS A 210 3.05 -23.98 12.28
C LYS A 210 1.99 -25.07 12.03
N SER A 211 0.94 -24.75 11.25
CA SER A 211 -0.15 -25.70 10.94
C SER A 211 0.29 -26.81 9.97
N LYS A 212 1.43 -26.64 9.29
CA LYS A 212 1.88 -27.63 8.33
C LYS A 212 2.83 -28.64 9.00
N LYS A 213 2.81 -29.90 8.55
CA LYS A 213 3.76 -30.91 9.06
C LYS A 213 5.18 -30.55 8.63
N THR A 214 5.38 -30.20 7.33
CA THR A 214 6.66 -29.74 6.81
C THR A 214 6.31 -28.55 5.91
N PRO A 215 6.33 -27.32 6.46
CA PRO A 215 5.90 -26.18 5.66
C PRO A 215 6.88 -25.77 4.57
N MET A 216 6.32 -25.29 3.46
CA MET A 216 7.06 -24.65 2.38
C MET A 216 6.21 -23.39 2.07
N GLY A 217 6.86 -22.27 1.82
CA GLY A 217 6.13 -21.06 1.47
C GLY A 217 6.80 -20.32 0.34
N PHE A 218 6.06 -19.44 -0.34
CA PHE A 218 6.67 -18.62 -1.39
C PHE A 218 5.85 -17.37 -1.60
N SER A 219 6.50 -16.30 -2.03
CA SER A 219 5.79 -15.11 -2.49
C SER A 219 5.74 -15.24 -4.01
N TYR A 220 4.68 -14.74 -4.65
CA TYR A 220 4.62 -14.78 -6.11
C TYR A 220 4.61 -13.37 -6.63
N ASP A 221 5.63 -13.04 -7.44
CA ASP A 221 5.76 -11.70 -8.00
C ASP A 221 5.22 -11.68 -9.41
N THR A 222 4.05 -11.07 -9.63
CA THR A 222 3.53 -11.00 -10.99
C THR A 222 4.27 -9.84 -11.69
N ARG A 223 4.63 -10.03 -12.94
CA ARG A 223 5.26 -8.99 -13.76
C ARG A 223 4.20 -7.91 -14.08
N CYS A 224 4.35 -6.67 -13.53
CA CYS A 224 3.43 -5.56 -13.84
C CYS A 224 1.97 -5.99 -13.73
N PHE A 225 1.52 -6.39 -12.55
CA PHE A 225 0.17 -6.93 -12.38
C PHE A 225 -0.93 -6.14 -13.09
N ASP A 226 -0.98 -4.80 -12.92
CA ASP A 226 -2.02 -3.98 -13.56
C ASP A 226 -2.09 -4.20 -15.08
N SER A 227 -0.94 -4.37 -15.73
CA SER A 227 -0.89 -4.60 -17.18
C SER A 227 -1.36 -5.98 -17.55
N THR A 228 -1.23 -6.98 -16.63
CA THR A 228 -1.65 -8.35 -16.90
C THR A 228 -3.17 -8.51 -16.81
N VAL A 229 -3.86 -7.56 -16.11
CA VAL A 229 -5.30 -7.60 -15.95
C VAL A 229 -5.95 -7.35 -17.30
N THR A 230 -6.73 -8.30 -17.78
CA THR A 230 -7.38 -8.23 -19.10
C THR A 230 -8.76 -7.59 -19.08
N GLU A 231 -9.29 -7.25 -20.28
CA GLU A 231 -10.65 -6.70 -20.40
C GLU A 231 -11.65 -7.73 -19.82
N SER A 232 -11.44 -9.04 -20.09
CA SER A 232 -12.36 -10.06 -19.55
C SER A 232 -12.22 -10.18 -18.05
N ASP A 233 -11.01 -9.97 -17.47
CA ASP A 233 -10.87 -9.99 -16.00
C ASP A 233 -11.72 -8.87 -15.41
N ILE A 234 -11.68 -7.69 -16.06
CA ILE A 234 -12.37 -6.50 -15.54
C ILE A 234 -13.89 -6.66 -15.65
N ARG A 235 -14.33 -7.26 -16.77
CA ARG A 235 -15.75 -7.58 -16.96
C ARG A 235 -16.20 -8.66 -15.98
N THR A 236 -15.28 -9.59 -15.57
CA THR A 236 -15.61 -10.61 -14.56
C THR A 236 -15.76 -9.94 -13.20
N GLU A 237 -14.90 -8.95 -12.87
CA GLU A 237 -15.03 -8.24 -11.60
C GLU A 237 -16.40 -7.54 -11.58
N GLU A 238 -16.82 -6.94 -12.74
CA GLU A 238 -18.15 -6.30 -12.80
C GLU A 238 -19.28 -7.34 -12.51
N ALA A 239 -19.16 -8.55 -13.09
CA ALA A 239 -20.15 -9.61 -12.87
C ALA A 239 -20.19 -10.02 -11.38
N ILE A 240 -19.04 -10.05 -10.70
CA ILE A 240 -18.96 -10.38 -9.27
C ILE A 240 -19.63 -9.27 -8.45
N TYR A 241 -19.34 -8.00 -8.76
CA TYR A 241 -19.97 -6.88 -8.04
C TYR A 241 -21.49 -7.00 -8.12
N GLN A 242 -22.02 -7.34 -9.32
CA GLN A 242 -23.47 -7.45 -9.58
C GLN A 242 -24.12 -8.63 -8.87
N CYS A 243 -23.34 -9.58 -8.32
CA CYS A 243 -23.88 -10.69 -7.52
C CYS A 243 -24.44 -10.19 -6.20
N CYS A 244 -23.95 -9.04 -5.71
CA CYS A 244 -24.42 -8.43 -4.47
C CYS A 244 -25.86 -7.98 -4.61
N ASP A 245 -26.51 -7.75 -3.47
CA ASP A 245 -27.80 -7.07 -3.45
C ASP A 245 -27.43 -5.56 -3.48
N LEU A 246 -27.66 -4.92 -4.63
CA LEU A 246 -27.32 -3.52 -4.85
C LEU A 246 -28.52 -2.69 -5.16
N ASP A 247 -28.36 -1.38 -5.03
CA ASP A 247 -29.39 -0.41 -5.32
C ASP A 247 -29.48 -0.27 -6.85
N PRO A 248 -30.70 -0.09 -7.42
CA PRO A 248 -30.83 0.03 -8.89
C PRO A 248 -29.90 1.04 -9.57
N GLN A 249 -29.70 2.26 -9.02
CA GLN A 249 -28.78 3.21 -9.69
C GLN A 249 -27.32 2.75 -9.61
N ALA A 250 -26.96 2.05 -8.53
CA ALA A 250 -25.60 1.52 -8.37
C ALA A 250 -25.36 0.51 -9.47
N ARG A 251 -26.34 -0.35 -9.77
CA ARG A 251 -26.13 -1.33 -10.83
C ARG A 251 -25.83 -0.67 -12.17
N VAL A 252 -26.55 0.41 -12.47
CA VAL A 252 -26.33 1.12 -13.73
C VAL A 252 -24.94 1.78 -13.73
N ALA A 253 -24.63 2.53 -12.65
CA ALA A 253 -23.36 3.25 -12.58
C ALA A 253 -22.15 2.30 -12.61
N ILE A 254 -22.27 1.11 -11.98
CA ILE A 254 -21.18 0.12 -11.98
C ILE A 254 -20.93 -0.39 -13.41
N LYS A 255 -22.00 -0.69 -14.16
CA LYS A 255 -21.85 -1.13 -15.54
C LYS A 255 -21.20 -0.01 -16.38
N SER A 256 -21.69 1.23 -16.24
CA SER A 256 -21.16 2.40 -16.97
C SER A 256 -19.70 2.62 -16.64
N LEU A 257 -19.31 2.59 -15.35
CA LEU A 257 -17.91 2.79 -15.00
C LEU A 257 -17.05 1.66 -15.57
N THR A 258 -17.56 0.41 -15.55
CA THR A 258 -16.79 -0.71 -16.11
C THR A 258 -16.53 -0.52 -17.59
N GLU A 259 -17.59 -0.26 -18.37
CA GLU A 259 -17.44 -0.15 -19.82
C GLU A 259 -16.75 1.10 -20.33
N ARG A 260 -16.97 2.23 -19.65
CA ARG A 260 -16.43 3.52 -20.06
C ARG A 260 -15.05 3.82 -19.50
N LEU A 261 -14.69 3.18 -18.37
CA LEU A 261 -13.46 3.48 -17.71
C LEU A 261 -12.61 2.28 -17.31
N TYR A 262 -13.16 1.35 -16.50
CA TYR A 262 -12.33 0.27 -15.99
C TYR A 262 -11.72 -0.64 -17.05
N VAL A 263 -12.49 -0.98 -18.11
CA VAL A 263 -11.96 -1.90 -19.14
C VAL A 263 -10.87 -1.31 -20.02
N GLY A 264 -10.80 0.00 -20.04
CA GLY A 264 -9.82 0.71 -20.86
C GLY A 264 -10.30 2.09 -21.29
N GLY A 265 -9.47 2.74 -22.08
CA GLY A 265 -9.84 4.08 -22.51
C GLY A 265 -8.66 4.92 -22.90
N PRO A 266 -8.95 6.12 -23.45
CA PRO A 266 -7.85 7.00 -23.92
C PRO A 266 -7.05 7.58 -22.79
N LEU A 267 -5.74 7.79 -23.05
CA LEU A 267 -4.77 8.36 -22.12
C LEU A 267 -4.37 9.75 -22.62
N THR A 268 -4.47 10.76 -21.75
CA THR A 268 -4.13 12.16 -22.08
C THR A 268 -3.03 12.63 -21.12
N ASN A 269 -2.01 13.36 -21.64
CA ASN A 269 -0.97 13.86 -20.74
C ASN A 269 -1.44 15.16 -20.08
N SER A 270 -0.62 15.74 -19.19
CA SER A 270 -0.96 16.96 -18.46
C SER A 270 -1.17 18.17 -19.39
N ARG A 271 -0.62 18.10 -20.62
CA ARG A 271 -0.72 19.18 -21.62
C ARG A 271 -1.91 19.02 -22.56
N GLY A 272 -2.77 18.05 -22.29
CA GLY A 272 -3.95 17.79 -23.10
C GLY A 272 -3.71 16.99 -24.38
N GLU A 273 -2.51 16.40 -24.53
CA GLU A 273 -2.19 15.63 -25.74
C GLU A 273 -2.58 14.16 -25.59
N ASN A 274 -2.99 13.54 -26.71
CA ASN A 274 -3.38 12.13 -26.75
C ASN A 274 -2.10 11.30 -26.64
N CYS A 275 -1.96 10.57 -25.54
CA CYS A 275 -0.79 9.75 -25.23
C CYS A 275 -0.90 8.31 -25.69
N GLY A 276 -2.13 7.83 -25.83
CA GLY A 276 -2.34 6.45 -26.20
C GLY A 276 -3.64 5.89 -25.70
N TYR A 277 -3.70 4.57 -25.61
CA TYR A 277 -4.93 3.86 -25.23
C TYR A 277 -4.57 2.74 -24.26
N ARG A 278 -5.41 2.53 -23.23
CA ARG A 278 -5.19 1.49 -22.21
C ARG A 278 -6.24 0.39 -22.36
N ARG A 279 -5.82 -0.88 -22.19
CA ARG A 279 -6.71 -2.06 -22.25
C ARG A 279 -6.43 -2.94 -21.02
N CYS A 280 -6.08 -2.30 -19.89
CA CYS A 280 -5.73 -3.06 -18.70
C CYS A 280 -6.15 -2.23 -17.48
N ARG A 281 -5.78 -2.68 -16.30
CA ARG A 281 -6.12 -1.95 -15.08
C ARG A 281 -5.53 -0.53 -15.06
N ALA A 282 -6.37 0.47 -14.73
CA ALA A 282 -5.95 1.84 -14.47
C ALA A 282 -5.46 1.84 -13.01
N SER A 283 -4.27 2.36 -12.79
CA SER A 283 -3.74 2.33 -11.43
C SER A 283 -4.42 3.26 -10.45
N GLY A 284 -5.09 4.30 -10.94
CA GLY A 284 -5.72 5.30 -10.08
C GLY A 284 -7.23 5.29 -10.05
N VAL A 285 -7.85 4.08 -10.04
CA VAL A 285 -9.31 3.97 -9.93
C VAL A 285 -9.67 3.35 -8.56
N LEU A 286 -10.91 3.53 -8.13
CA LEU A 286 -11.31 3.02 -6.82
C LEU A 286 -11.18 1.48 -6.69
N THR A 287 -11.41 0.77 -7.80
CA THR A 287 -11.39 -0.68 -7.83
C THR A 287 -10.02 -1.30 -8.03
N THR A 288 -8.94 -0.50 -8.14
CA THR A 288 -7.60 -1.10 -8.33
C THR A 288 -7.23 -2.06 -7.21
N SER A 289 -7.31 -1.63 -5.93
CA SER A 289 -6.92 -2.52 -4.84
C SER A 289 -7.88 -3.70 -4.68
N CYS A 290 -9.19 -3.44 -4.68
CA CYS A 290 -10.19 -4.52 -4.55
C CYS A 290 -10.12 -5.48 -5.74
N GLY A 291 -10.15 -4.92 -6.95
CA GLY A 291 -10.10 -5.72 -8.17
C GLY A 291 -8.85 -6.58 -8.22
N ASN A 292 -7.67 -5.99 -7.91
CA ASN A 292 -6.42 -6.75 -7.91
C ASN A 292 -6.47 -7.85 -6.86
N THR A 293 -7.02 -7.54 -5.66
CA THR A 293 -7.12 -8.55 -4.58
C THR A 293 -8.01 -9.71 -5.04
N LEU A 294 -9.19 -9.41 -5.58
CA LEU A 294 -10.11 -10.46 -6.05
C LEU A 294 -9.52 -11.28 -7.18
N THR A 295 -8.98 -10.60 -8.19
CA THR A 295 -8.45 -11.26 -9.39
C THR A 295 -7.20 -12.08 -9.07
N CYS A 296 -6.34 -11.55 -8.18
CA CYS A 296 -5.15 -12.28 -7.77
C CYS A 296 -5.55 -13.54 -7.02
N TYR A 297 -6.53 -13.41 -6.13
CA TYR A 297 -7.05 -14.53 -5.35
C TYR A 297 -7.60 -15.64 -6.26
N ILE A 298 -8.47 -15.27 -7.23
CA ILE A 298 -9.10 -16.24 -8.12
C ILE A 298 -8.02 -16.99 -8.90
N LYS A 299 -7.11 -16.25 -9.52
CA LYS A 299 -6.07 -16.89 -10.33
C LYS A 299 -5.15 -17.77 -9.47
N ALA A 300 -4.75 -17.27 -8.28
CA ALA A 300 -3.85 -18.02 -7.38
C ALA A 300 -4.50 -19.27 -6.85
N ARG A 301 -5.75 -19.17 -6.37
CA ARG A 301 -6.45 -20.36 -5.83
C ARG A 301 -6.58 -21.44 -6.93
N ALA A 302 -6.91 -21.02 -8.16
CA ALA A 302 -7.02 -21.95 -9.30
C ALA A 302 -5.64 -22.55 -9.65
N ALA A 303 -4.59 -21.72 -9.64
CA ALA A 303 -3.24 -22.19 -9.99
C ALA A 303 -2.71 -23.18 -8.92
N CYS A 304 -3.03 -22.95 -7.61
CA CYS A 304 -2.69 -23.88 -6.53
C CYS A 304 -3.27 -25.25 -6.87
N ARG A 305 -4.55 -25.27 -7.27
CA ARG A 305 -5.21 -26.53 -7.63
C ARG A 305 -4.64 -27.13 -8.92
N ALA A 306 -4.40 -26.29 -9.96
CA ALA A 306 -3.82 -26.78 -11.21
C ALA A 306 -2.46 -27.45 -10.94
N ALA A 307 -1.67 -26.90 -10.01
CA ALA A 307 -0.35 -27.47 -9.65
C ALA A 307 -0.43 -28.64 -8.67
N GLY A 308 -1.58 -28.80 -8.03
CA GLY A 308 -1.76 -29.87 -7.05
C GLY A 308 -1.11 -29.59 -5.72
N LEU A 309 -0.80 -28.30 -5.44
CA LEU A 309 -0.19 -27.92 -4.17
C LEU A 309 -1.07 -28.37 -3.01
N GLN A 310 -0.44 -28.99 -2.03
CA GLN A 310 -1.19 -29.56 -0.92
C GLN A 310 -1.40 -28.64 0.25
N ASP A 311 -2.65 -28.58 0.72
CA ASP A 311 -3.05 -27.83 1.92
C ASP A 311 -2.56 -26.38 1.92
N CYS A 312 -2.91 -25.64 0.87
CA CYS A 312 -2.47 -24.24 0.72
C CYS A 312 -3.19 -23.29 1.67
N THR A 313 -2.43 -22.36 2.24
CA THR A 313 -2.95 -21.22 2.99
C THR A 313 -2.44 -19.99 2.18
N MET A 314 -3.34 -19.10 1.74
CA MET A 314 -2.92 -17.94 0.95
C MET A 314 -3.24 -16.66 1.69
N LEU A 315 -2.47 -15.63 1.41
CA LEU A 315 -2.70 -14.30 1.99
C LEU A 315 -2.49 -13.30 0.85
N VAL A 316 -3.55 -12.54 0.53
CA VAL A 316 -3.56 -11.68 -0.64
C VAL A 316 -3.85 -10.23 -0.24
N CYS A 317 -2.99 -9.31 -0.70
CA CYS A 317 -3.15 -7.85 -0.51
C CYS A 317 -2.95 -7.27 -1.90
N GLY A 318 -4.03 -6.99 -2.64
CA GLY A 318 -3.87 -6.50 -4.01
C GLY A 318 -3.12 -7.51 -4.87
N ASP A 319 -2.02 -7.09 -5.50
CA ASP A 319 -1.24 -8.01 -6.34
C ASP A 319 -0.22 -8.82 -5.51
N ASP A 320 -0.17 -8.57 -4.20
CA ASP A 320 0.79 -9.27 -3.35
C ASP A 320 0.19 -10.58 -2.91
N LEU A 321 0.91 -11.67 -3.18
CA LEU A 321 0.48 -13.04 -2.88
C LEU A 321 1.55 -13.80 -2.14
N VAL A 322 1.13 -14.47 -1.06
CA VAL A 322 2.02 -15.37 -0.32
C VAL A 322 1.25 -16.67 -0.10
N VAL A 323 1.91 -17.80 -0.38
CA VAL A 323 1.32 -19.12 -0.22
C VAL A 323 2.19 -19.94 0.70
N ILE A 324 1.58 -20.58 1.71
CA ILE A 324 2.23 -21.52 2.64
C ILE A 324 1.51 -22.86 2.45
N CYS A 325 2.25 -23.91 2.11
CA CYS A 325 1.62 -25.22 1.88
C CYS A 325 2.42 -26.35 2.52
N GLU A 326 1.98 -27.59 2.26
CA GLU A 326 2.69 -28.77 2.73
C GLU A 326 3.74 -29.12 1.73
N SER A 327 4.99 -29.23 2.18
CA SER A 327 6.09 -29.57 1.28
C SER A 327 5.96 -31.04 0.82
N ALA A 328 6.38 -31.33 -0.42
CA ALA A 328 6.40 -32.72 -0.93
C ALA A 328 7.85 -33.14 -1.20
N GLY A 329 8.80 -32.42 -0.59
CA GLY A 329 10.23 -32.63 -0.77
C GLY A 329 10.78 -31.55 -1.68
N VAL A 330 12.10 -31.27 -1.61
CA VAL A 330 12.67 -30.17 -2.39
C VAL A 330 12.52 -30.30 -3.91
N GLN A 331 12.78 -31.49 -4.50
CA GLN A 331 12.63 -31.59 -5.97
C GLN A 331 11.17 -31.45 -6.43
N GLU A 332 10.24 -32.06 -5.69
CA GLU A 332 8.83 -31.98 -6.05
C GLU A 332 8.30 -30.55 -5.87
N ASP A 333 8.72 -29.88 -4.80
CA ASP A 333 8.31 -28.49 -4.56
C ASP A 333 8.77 -27.57 -5.70
N ALA A 334 10.01 -27.79 -6.19
CA ALA A 334 10.55 -27.01 -7.31
C ALA A 334 9.68 -27.22 -8.55
N ALA A 335 9.31 -28.47 -8.85
CA ALA A 335 8.48 -28.84 -10.00
C ALA A 335 7.06 -28.29 -9.85
N SER A 336 6.47 -28.42 -8.65
CA SER A 336 5.11 -27.97 -8.41
C SER A 336 5.02 -26.42 -8.47
N LEU A 337 6.08 -25.70 -8.06
CA LEU A 337 6.13 -24.23 -8.19
C LEU A 337 6.23 -23.82 -9.66
N ARG A 338 6.96 -24.60 -10.49
CA ARG A 338 7.00 -24.30 -11.92
C ARG A 338 5.60 -24.51 -12.51
N ALA A 339 4.89 -25.58 -12.06
CA ALA A 339 3.52 -25.85 -12.55
C ALA A 339 2.55 -24.72 -12.10
N PHE A 340 2.73 -24.24 -10.85
CA PHE A 340 1.94 -23.12 -10.33
C PHE A 340 2.16 -21.90 -11.26
N THR A 341 3.42 -21.58 -11.56
CA THR A 341 3.80 -20.46 -12.42
C THR A 341 3.21 -20.61 -13.80
N GLU A 342 3.27 -21.84 -14.36
CA GLU A 342 2.72 -22.10 -15.70
C GLU A 342 1.20 -21.84 -15.70
N ALA A 343 0.49 -22.22 -14.61
CA ALA A 343 -0.95 -21.97 -14.57
C ALA A 343 -1.24 -20.48 -14.43
N MET A 344 -0.52 -19.79 -13.54
CA MET A 344 -0.67 -18.34 -13.36
C MET A 344 -0.42 -17.64 -14.70
N THR A 345 0.59 -18.11 -15.47
CA THR A 345 0.92 -17.54 -16.79
C THR A 345 -0.24 -17.73 -17.76
N ARG A 346 -0.84 -18.93 -17.79
CA ARG A 346 -2.03 -19.17 -18.64
C ARG A 346 -3.21 -18.26 -18.25
N TYR A 347 -3.32 -17.89 -16.96
CA TYR A 347 -4.40 -16.99 -16.50
C TYR A 347 -4.09 -15.53 -16.68
N SER A 348 -2.98 -15.20 -17.33
CA SER A 348 -2.50 -13.82 -17.53
C SER A 348 -2.03 -13.20 -16.20
N ALA A 349 -1.17 -13.92 -15.50
CA ALA A 349 -0.48 -13.40 -14.33
C ALA A 349 0.95 -13.96 -14.35
N PRO A 350 1.68 -13.67 -15.48
CA PRO A 350 3.04 -14.18 -15.64
C PRO A 350 4.01 -13.65 -14.58
N PRO A 351 5.12 -14.36 -14.33
CA PRO A 351 6.00 -13.93 -13.24
C PRO A 351 7.00 -12.87 -13.63
N GLY A 352 7.39 -12.05 -12.64
CA GLY A 352 8.48 -11.08 -12.76
C GLY A 352 9.70 -11.92 -12.43
N ASP A 353 10.06 -11.99 -11.15
CA ASP A 353 11.12 -12.90 -10.71
C ASP A 353 10.42 -14.23 -10.46
N PRO A 354 10.93 -15.40 -10.94
CA PRO A 354 10.20 -16.66 -10.71
C PRO A 354 10.14 -16.98 -9.21
N PRO A 355 9.03 -17.56 -8.72
CA PRO A 355 8.95 -17.83 -7.28
C PRO A 355 10.00 -18.83 -6.81
N GLN A 356 10.43 -18.70 -5.56
CA GLN A 356 11.42 -19.59 -4.96
C GLN A 356 10.79 -20.31 -3.78
N PRO A 357 10.84 -21.65 -3.68
CA PRO A 357 10.32 -22.31 -2.46
C PRO A 357 11.19 -21.94 -1.26
N GLU A 358 10.57 -21.63 -0.15
CA GLU A 358 11.30 -21.27 1.09
C GLU A 358 10.90 -22.23 2.18
N TYR A 359 11.87 -22.65 3.03
CA TYR A 359 11.64 -23.60 4.13
C TYR A 359 11.90 -22.93 5.47
N ASP A 360 12.08 -21.61 5.46
CA ASP A 360 12.27 -20.80 6.67
C ASP A 360 11.36 -19.60 6.46
N LEU A 361 10.39 -19.41 7.35
CA LEU A 361 9.39 -18.33 7.24
C LEU A 361 10.04 -16.94 7.17
N GLU A 362 11.19 -16.76 7.84
CA GLU A 362 11.89 -15.46 7.84
C GLU A 362 12.48 -15.05 6.49
N LEU A 363 12.65 -16.02 5.59
CA LEU A 363 13.23 -15.78 4.27
C LEU A 363 12.20 -15.36 3.22
N ILE A 364 10.93 -15.34 3.59
CA ILE A 364 9.90 -14.92 2.66
C ILE A 364 9.71 -13.42 2.80
N THR A 365 9.69 -12.71 1.66
CA THR A 365 9.34 -11.30 1.66
C THR A 365 8.00 -11.17 0.99
N SER A 366 7.05 -10.55 1.68
CA SER A 366 5.71 -10.30 1.16
C SER A 366 5.24 -8.99 1.74
N CYS A 367 4.55 -8.17 0.91
CA CYS A 367 4.19 -6.79 1.28
C CYS A 367 5.45 -6.07 1.73
N SER A 368 6.56 -6.30 0.98
CA SER A 368 7.90 -5.75 1.19
C SER A 368 8.38 -5.96 2.62
N SER A 369 7.97 -7.06 3.28
CA SER A 369 8.35 -7.28 4.66
C SER A 369 8.60 -8.73 4.95
N ASN A 370 9.26 -9.01 6.09
CA ASN A 370 9.51 -10.40 6.52
C ASN A 370 9.28 -10.52 8.02
N VAL A 371 8.99 -11.75 8.44
CA VAL A 371 8.82 -12.11 9.83
C VAL A 371 10.22 -12.14 10.47
N SER A 372 10.31 -11.65 11.71
CA SER A 372 11.54 -11.73 12.50
C SER A 372 11.14 -11.90 13.96
N VAL A 373 12.11 -12.16 14.82
CA VAL A 373 11.84 -12.46 16.22
C VAL A 373 12.60 -11.52 17.14
N ALA A 374 11.95 -11.15 18.24
CA ALA A 374 12.58 -10.39 19.30
C ALA A 374 11.99 -10.93 20.60
N HIS A 375 12.36 -10.34 21.72
CA HIS A 375 11.83 -10.75 23.01
C HIS A 375 11.25 -9.53 23.70
N ASP A 376 10.20 -9.72 24.50
CA ASP A 376 9.56 -8.61 25.23
C ASP A 376 10.23 -8.40 26.58
N GLY A 377 9.61 -7.55 27.42
CA GLY A 377 10.08 -7.23 28.77
C GLY A 377 10.23 -8.41 29.71
N ALA A 378 9.45 -9.48 29.49
CA ALA A 378 9.50 -10.73 30.27
C ALA A 378 10.39 -11.82 29.62
N GLY A 379 11.06 -11.47 28.52
CA GLY A 379 11.95 -12.40 27.81
C GLY A 379 11.24 -13.36 26.88
N LYS A 380 9.90 -13.22 26.75
CA LYS A 380 9.06 -14.05 25.88
C LYS A 380 9.32 -13.71 24.42
N ARG A 381 9.34 -14.74 23.53
CA ARG A 381 9.51 -14.61 22.08
C ARG A 381 8.33 -13.83 21.49
N VAL A 382 8.63 -12.87 20.64
CA VAL A 382 7.63 -12.04 19.97
C VAL A 382 7.99 -12.06 18.48
N TYR A 383 7.04 -12.45 17.61
CA TYR A 383 7.22 -12.38 16.16
C TYR A 383 6.69 -11.01 15.74
N TYR A 384 7.34 -10.36 14.78
CA TYR A 384 6.93 -9.03 14.31
C TYR A 384 7.38 -8.88 12.87
N LEU A 385 6.84 -7.87 12.16
CA LEU A 385 7.15 -7.65 10.77
C LEU A 385 8.14 -6.53 10.66
N THR A 386 9.11 -6.73 9.76
CA THR A 386 10.18 -5.75 9.51
C THR A 386 10.54 -5.76 8.03
N ARG A 387 11.46 -4.92 7.62
CA ARG A 387 11.91 -4.85 6.23
C ARG A 387 13.25 -4.17 6.18
N ASP A 388 13.93 -4.27 5.06
CA ASP A 388 15.16 -3.53 4.83
C ASP A 388 14.77 -2.03 4.98
N PRO A 389 15.50 -1.25 5.82
CA PRO A 389 15.09 0.15 6.05
C PRO A 389 15.60 1.16 5.02
N THR A 390 16.28 0.69 3.95
CA THR A 390 16.83 1.61 2.95
C THR A 390 15.80 2.64 2.41
N THR A 391 14.70 2.16 1.80
CA THR A 391 13.69 3.05 1.21
C THR A 391 13.04 3.93 2.29
N PRO A 392 12.59 3.38 3.43
CA PRO A 392 12.06 4.26 4.50
C PRO A 392 13.06 5.35 4.90
N LEU A 393 14.38 5.04 5.03
CA LEU A 393 15.35 6.06 5.42
C LEU A 393 15.58 7.12 4.36
N ALA A 394 15.67 6.72 3.10
CA ALA A 394 15.87 7.64 1.96
C ALA A 394 14.68 8.59 1.89
N ARG A 395 13.46 8.05 2.06
CA ARG A 395 12.24 8.86 2.00
C ARG A 395 12.15 9.81 3.18
N ALA A 396 12.51 9.30 4.39
CA ALA A 396 12.53 10.13 5.60
C ALA A 396 13.49 11.33 5.42
N ALA A 397 14.66 11.10 4.79
CA ALA A 397 15.64 12.18 4.58
C ALA A 397 15.03 13.22 3.63
N TRP A 398 14.41 12.78 2.52
CA TRP A 398 13.73 13.69 1.59
C TRP A 398 12.63 14.49 2.31
N GLU A 399 11.81 13.83 3.14
CA GLU A 399 10.71 14.48 3.86
C GLU A 399 11.19 15.46 4.93
N THR A 400 12.43 15.28 5.43
CA THR A 400 13.02 16.26 6.38
C THR A 400 13.46 17.52 5.58
N ALA A 401 14.02 17.33 4.37
CA ALA A 401 14.54 18.44 3.54
C ALA A 401 13.43 19.21 2.83
N ARG A 402 12.31 18.53 2.54
CA ARG A 402 11.22 19.12 1.76
C ARG A 402 9.88 18.82 2.34
N HIS A 403 8.99 19.83 2.35
CA HIS A 403 7.61 19.64 2.79
C HIS A 403 6.87 18.83 1.73
N THR A 404 6.33 17.69 2.14
CA THR A 404 5.66 16.78 1.22
C THR A 404 4.18 16.70 1.63
N PRO A 405 3.23 16.44 0.69
CA PRO A 405 1.81 16.38 1.10
C PRO A 405 1.48 15.23 2.06
N VAL A 406 2.15 14.08 1.85
CA VAL A 406 1.99 12.85 2.62
C VAL A 406 3.38 12.46 3.19
N ASN A 407 3.41 11.96 4.41
CA ASN A 407 4.65 11.63 5.11
C ASN A 407 4.84 10.13 5.25
N SER A 408 5.70 9.53 4.39
CA SER A 408 5.95 8.08 4.49
C SER A 408 6.61 7.74 5.84
N TRP A 409 7.38 8.70 6.42
CA TRP A 409 8.03 8.42 7.73
C TRP A 409 7.01 8.11 8.82
N LEU A 410 5.88 8.86 8.82
CA LEU A 410 4.83 8.66 9.81
C LEU A 410 4.14 7.31 9.62
N GLY A 411 3.82 6.95 8.37
CA GLY A 411 3.24 5.64 8.07
C GLY A 411 4.20 4.52 8.46
N ASN A 412 5.51 4.73 8.25
CA ASN A 412 6.55 3.74 8.60
C ASN A 412 6.70 3.59 10.12
N ILE A 413 6.64 4.69 10.86
CA ILE A 413 6.68 4.59 12.33
C ILE A 413 5.47 3.80 12.81
N ILE A 414 4.30 4.06 12.20
CA ILE A 414 3.08 3.36 12.60
C ILE A 414 3.14 1.87 12.29
N MET A 415 3.43 1.51 11.06
CA MET A 415 3.41 0.12 10.59
C MET A 415 4.58 -0.68 11.14
N PHE A 416 5.73 -0.02 11.31
CA PHE A 416 6.94 -0.69 11.77
C PHE A 416 7.40 -0.26 13.16
N ALA A 417 6.46 0.19 14.00
CA ALA A 417 6.77 0.62 15.36
C ALA A 417 7.58 -0.39 16.17
N PRO A 418 7.38 -1.73 16.08
CA PRO A 418 8.20 -2.62 16.93
C PRO A 418 9.63 -2.83 16.46
N THR A 419 9.98 -2.34 15.26
CA THR A 419 11.29 -2.57 14.66
C THR A 419 12.42 -1.79 15.33
N LEU A 420 13.61 -2.37 15.30
CA LEU A 420 14.81 -1.72 15.87
C LEU A 420 15.11 -0.38 15.14
N TRP A 421 14.95 -0.37 13.80
CA TRP A 421 15.21 0.83 12.99
C TRP A 421 14.16 1.92 13.17
N ALA A 422 12.87 1.57 13.22
CA ALA A 422 11.86 2.62 13.39
C ALA A 422 11.99 3.27 14.78
N ARG A 423 12.29 2.47 15.81
CA ARG A 423 12.41 2.99 17.18
C ARG A 423 13.66 3.81 17.37
N MET A 424 14.82 3.25 16.99
CA MET A 424 16.08 3.94 17.26
C MET A 424 16.36 5.12 16.36
N ILE A 425 15.98 4.99 15.10
CA ILE A 425 16.29 6.02 14.11
C ILE A 425 15.10 6.91 13.80
N LEU A 426 14.03 6.36 13.23
CA LEU A 426 12.89 7.20 12.85
C LEU A 426 12.26 7.99 14.01
N MET A 427 12.00 7.33 15.13
CA MET A 427 11.36 8.04 16.24
C MET A 427 12.30 9.12 16.78
N THR A 428 13.57 8.75 17.00
CA THR A 428 14.54 9.71 17.55
C THR A 428 14.68 10.88 16.59
N HIS A 429 14.85 10.60 15.30
CA HIS A 429 15.04 11.68 14.34
C HIS A 429 13.82 12.59 14.29
N PHE A 430 12.65 12.01 14.04
CA PHE A 430 11.45 12.85 13.86
C PHE A 430 11.02 13.62 15.08
N PHE A 431 11.12 13.01 16.27
CA PHE A 431 10.80 13.78 17.47
C PHE A 431 11.83 14.93 17.67
N SER A 432 13.10 14.74 17.29
CA SER A 432 14.09 15.83 17.40
C SER A 432 13.76 16.97 16.40
N VAL A 433 13.38 16.62 15.15
CA VAL A 433 12.99 17.56 14.10
C VAL A 433 11.72 18.34 14.54
N LEU A 434 10.71 17.62 15.06
CA LEU A 434 9.45 18.26 15.49
C LEU A 434 9.68 19.20 16.66
N ILE A 435 10.61 18.84 17.57
CA ILE A 435 10.96 19.72 18.71
C ILE A 435 11.65 20.98 18.12
N ALA A 436 12.64 20.80 17.22
CA ALA A 436 13.41 21.88 16.59
C ALA A 436 12.52 22.86 15.82
N ARG A 437 11.49 22.35 15.14
CA ARG A 437 10.57 23.14 14.32
C ARG A 437 9.30 23.57 15.07
N ASP A 438 9.16 23.17 16.36
CA ASP A 438 7.97 23.48 17.19
C ASP A 438 6.68 22.97 16.49
N GLN A 439 6.69 21.67 16.07
CA GLN A 439 5.57 21.07 15.32
C GLN A 439 4.99 19.80 15.96
N LEU A 440 5.27 19.54 17.25
CA LEU A 440 4.74 18.34 17.91
C LEU A 440 3.23 18.18 17.86
N GLU A 441 2.50 19.29 17.91
CA GLU A 441 1.03 19.30 17.98
C GLU A 441 0.36 19.34 16.61
N GLN A 442 1.10 19.56 15.53
CA GLN A 442 0.49 19.66 14.19
C GLN A 442 0.14 18.30 13.60
N ALA A 443 -1.11 18.11 13.17
CA ALA A 443 -1.53 16.84 12.56
C ALA A 443 -0.88 16.71 11.18
N LEU A 444 -0.45 15.50 10.85
CA LEU A 444 0.22 15.19 9.57
C LEU A 444 -0.52 14.11 8.84
N ASN A 445 -0.45 14.12 7.51
CA ASN A 445 -1.11 13.07 6.72
C ASN A 445 -0.12 11.98 6.37
N CYS A 446 -0.60 10.74 6.34
CA CYS A 446 0.15 9.58 5.83
C CYS A 446 -0.82 8.68 5.10
N GLU A 447 -0.31 7.83 4.21
CA GLU A 447 -1.15 6.92 3.42
C GLU A 447 -0.56 5.53 3.54
N ILE A 448 -1.38 4.56 3.95
CA ILE A 448 -0.97 3.16 4.16
C ILE A 448 -1.80 2.34 3.20
N TYR A 449 -1.18 1.93 2.07
CA TYR A 449 -1.88 1.20 1.01
C TYR A 449 -3.18 1.89 0.56
N GLY A 450 -3.11 3.21 0.38
CA GLY A 450 -4.27 3.96 -0.08
C GLY A 450 -5.18 4.51 0.98
N ALA A 451 -5.15 3.93 2.21
CA ALA A 451 -5.94 4.42 3.36
C ALA A 451 -5.20 5.65 3.88
N CYS A 452 -5.90 6.79 3.94
CA CYS A 452 -5.31 8.05 4.36
C CYS A 452 -5.62 8.31 5.80
N TYR A 453 -4.65 8.84 6.54
CA TYR A 453 -4.82 9.12 7.96
C TYR A 453 -4.30 10.49 8.31
N SER A 454 -4.92 11.14 9.31
CA SER A 454 -4.49 12.45 9.79
C SER A 454 -4.17 12.24 11.27
N ILE A 455 -2.87 12.30 11.59
CA ILE A 455 -2.38 11.95 12.92
C ILE A 455 -1.46 13.00 13.50
N GLU A 456 -1.68 13.30 14.79
CA GLU A 456 -0.81 14.20 15.55
C GLU A 456 0.34 13.35 16.09
N PRO A 457 1.61 13.76 15.90
CA PRO A 457 2.73 12.95 16.45
C PRO A 457 2.57 12.62 17.93
N LEU A 458 2.00 13.56 18.73
CA LEU A 458 1.77 13.33 20.16
C LEU A 458 0.81 12.17 20.46
N ASP A 459 0.04 11.70 19.47
CA ASP A 459 -0.87 10.54 19.64
C ASP A 459 -0.21 9.21 19.26
N LEU A 460 1.07 9.25 18.83
CA LEU A 460 1.74 8.00 18.46
C LEU A 460 1.76 6.93 19.55
N PRO A 461 2.09 7.22 20.83
CA PRO A 461 2.12 6.14 21.84
C PRO A 461 0.79 5.40 22.00
N PRO A 462 -0.40 6.05 22.19
CA PRO A 462 -1.64 5.26 22.28
C PRO A 462 -1.98 4.54 20.99
N ILE A 463 -1.69 5.15 19.81
CA ILE A 463 -1.94 4.49 18.52
C ILE A 463 -1.10 3.22 18.44
N ILE A 464 0.20 3.32 18.77
CA ILE A 464 1.10 2.15 18.73
C ILE A 464 0.67 1.07 19.70
N GLN A 465 0.31 1.45 20.94
CA GLN A 465 -0.15 0.47 21.90
C GLN A 465 -1.37 -0.26 21.37
N ARG A 466 -2.36 0.48 20.86
CA ARG A 466 -3.56 -0.16 20.35
C ARG A 466 -3.30 -1.04 19.12
N LEU A 467 -2.45 -0.58 18.21
CA LEU A 467 -2.15 -1.32 16.99
C LEU A 467 -1.24 -2.52 17.18
N HIS A 468 -0.15 -2.37 17.95
CA HIS A 468 0.87 -3.42 18.11
C HIS A 468 0.87 -4.09 19.47
N GLY A 469 0.37 -3.38 20.48
CA GLY A 469 0.39 -3.86 21.86
C GLY A 469 1.50 -3.21 22.63
N LEU A 470 1.42 -3.24 23.97
CA LEU A 470 2.43 -2.66 24.86
C LEU A 470 3.84 -3.17 24.64
N SER A 471 4.00 -4.43 24.16
CA SER A 471 5.31 -5.05 23.92
C SER A 471 6.14 -4.27 22.89
N ALA A 472 5.48 -3.47 22.01
CA ALA A 472 6.20 -2.66 21.00
C ALA A 472 7.20 -1.68 21.63
N PHE A 473 6.98 -1.30 22.91
CA PHE A 473 7.86 -0.37 23.63
C PHE A 473 8.91 -1.08 24.46
N SER A 474 8.96 -2.41 24.40
CA SER A 474 9.88 -3.18 25.24
C SER A 474 10.67 -4.24 24.49
N LEU A 475 10.50 -4.32 23.16
CA LEU A 475 11.26 -5.34 22.41
C LEU A 475 12.77 -5.16 22.51
N HIS A 476 13.48 -6.27 22.62
CA HIS A 476 14.93 -6.28 22.70
C HIS A 476 15.40 -7.63 22.17
N SER A 477 16.72 -7.84 22.12
CA SER A 477 17.32 -9.08 21.61
C SER A 477 16.81 -9.41 20.20
N TYR A 478 17.01 -8.44 19.30
CA TYR A 478 16.65 -8.57 17.89
C TYR A 478 17.64 -9.58 17.28
N SER A 479 17.31 -10.11 16.12
CA SER A 479 18.15 -11.16 15.52
C SER A 479 19.45 -10.65 14.91
N PRO A 480 20.51 -11.52 14.85
CA PRO A 480 21.75 -11.11 14.18
C PRO A 480 21.51 -10.64 12.75
N GLY A 481 20.64 -11.32 12.00
CA GLY A 481 20.35 -10.95 10.63
C GLY A 481 19.70 -9.59 10.51
N GLU A 482 18.78 -9.29 11.43
CA GLU A 482 18.06 -8.03 11.45
C GLU A 482 19.02 -6.89 11.82
N ILE A 483 19.80 -7.07 12.89
CA ILE A 483 20.81 -6.07 13.32
C ILE A 483 21.77 -5.81 12.16
N ASN A 484 22.28 -6.88 11.51
CA ASN A 484 23.20 -6.70 10.39
C ASN A 484 22.60 -5.99 9.19
N ARG A 485 21.33 -6.27 8.89
CA ARG A 485 20.67 -5.63 7.75
C ARG A 485 20.54 -4.11 8.04
N VAL A 486 20.12 -3.74 9.26
CA VAL A 486 20.02 -2.31 9.61
C VAL A 486 21.44 -1.70 9.57
N ALA A 487 22.43 -2.35 10.24
CA ALA A 487 23.80 -1.80 10.24
C ALA A 487 24.39 -1.58 8.85
N ALA A 488 24.21 -2.55 7.95
CA ALA A 488 24.71 -2.45 6.56
C ALA A 488 24.06 -1.27 5.83
N CYS A 489 22.74 -1.07 6.08
CA CYS A 489 21.99 0.02 5.47
C CYS A 489 22.58 1.35 5.93
N LEU A 490 22.89 1.46 7.24
CA LEU A 490 23.43 2.73 7.76
C LEU A 490 24.77 3.06 7.17
N ARG A 491 25.63 2.05 6.99
CA ARG A 491 26.95 2.31 6.40
C ARG A 491 26.78 2.76 4.95
N LYS A 492 25.87 2.11 4.22
CA LYS A 492 25.66 2.42 2.81
C LYS A 492 25.16 3.85 2.61
N LEU A 493 24.20 4.27 3.45
CA LEU A 493 23.53 5.56 3.30
C LEU A 493 24.21 6.72 4.03
N GLY A 494 25.22 6.43 4.84
CA GLY A 494 25.87 7.48 5.63
C GLY A 494 24.96 7.94 6.76
N VAL A 495 24.27 6.99 7.42
CA VAL A 495 23.39 7.25 8.57
C VAL A 495 24.22 6.97 9.83
N PRO A 496 24.16 7.83 10.87
CA PRO A 496 24.95 7.55 12.08
C PRO A 496 24.65 6.18 12.69
N PRO A 497 25.62 5.56 13.37
CA PRO A 497 25.37 4.22 13.93
C PRO A 497 24.34 4.23 15.03
N LEU A 498 23.74 3.07 15.28
CA LEU A 498 22.69 2.94 16.31
C LEU A 498 23.09 3.50 17.68
N ARG A 499 24.36 3.31 18.11
CA ARG A 499 24.82 3.81 19.41
C ARG A 499 24.81 5.34 19.49
N ALA A 500 25.01 6.02 18.35
CA ALA A 500 24.93 7.50 18.27
C ALA A 500 23.45 7.91 18.41
N TRP A 501 22.54 7.18 17.75
CA TRP A 501 21.08 7.44 17.89
C TRP A 501 20.61 7.24 19.31
N ARG A 502 21.16 6.22 20.00
CA ARG A 502 20.83 5.94 21.40
C ARG A 502 21.21 7.16 22.23
N HIS A 503 22.43 7.70 22.01
CA HIS A 503 22.85 8.89 22.72
C HIS A 503 21.94 10.07 22.46
N ARG A 504 21.55 10.27 21.19
CA ARG A 504 20.68 11.37 20.82
C ARG A 504 19.27 11.20 21.45
N ALA A 505 18.77 9.95 21.49
CA ALA A 505 17.44 9.66 22.05
C ALA A 505 17.33 10.01 23.53
N ARG A 506 18.44 9.87 24.29
CA ARG A 506 18.40 10.26 25.71
C ARG A 506 18.07 11.76 25.85
N SER A 507 18.64 12.64 24.97
CA SER A 507 18.34 14.10 25.00
C SER A 507 16.90 14.36 24.56
N VAL A 508 16.48 13.67 23.48
CA VAL A 508 15.11 13.81 22.95
C VAL A 508 14.09 13.40 24.02
N ARG A 509 14.31 12.23 24.63
CA ARG A 509 13.46 11.68 25.70
C ARG A 509 13.36 12.69 26.87
N ALA A 510 14.51 13.25 27.32
CA ALA A 510 14.51 14.23 28.43
C ALA A 510 13.69 15.47 28.08
N ARG A 511 13.84 16.01 26.84
CA ARG A 511 13.09 17.19 26.39
C ARG A 511 11.58 16.94 26.35
N LEU A 512 11.16 15.78 25.83
CA LEU A 512 9.75 15.39 25.82
C LEU A 512 9.19 15.25 27.26
N LEU A 513 9.96 14.60 28.17
CA LEU A 513 9.52 14.46 29.58
C LEU A 513 9.26 15.81 30.24
N SER A 514 10.13 16.78 29.97
CA SER A 514 10.05 18.14 30.54
C SER A 514 8.79 18.88 30.08
N ARG A 515 8.21 18.50 28.91
CA ARG A 515 7.01 19.17 28.40
C ARG A 515 5.69 18.74 29.06
N GLY A 516 5.72 17.59 29.76
CA GLY A 516 4.55 17.02 30.43
C GLY A 516 3.51 16.52 29.45
N GLY A 517 2.35 16.13 29.97
CA GLY A 517 1.20 15.67 29.19
C GLY A 517 1.50 14.62 28.13
N ARG A 518 0.93 14.79 26.92
CA ARG A 518 1.12 13.83 25.83
C ARG A 518 2.59 13.70 25.43
N ALA A 519 3.34 14.83 25.43
CA ALA A 519 4.76 14.80 25.07
C ALA A 519 5.56 13.93 26.03
N ALA A 520 5.25 14.01 27.35
CA ALA A 520 5.94 13.18 28.37
C ALA A 520 5.65 11.72 28.14
N ILE A 521 4.41 11.41 27.72
CA ILE A 521 4.06 10.03 27.40
C ILE A 521 4.93 9.56 26.20
N CYS A 522 5.15 10.44 25.20
CA CYS A 522 6.04 10.10 24.06
C CYS A 522 7.43 9.79 24.58
N GLY A 523 7.96 10.62 25.48
CA GLY A 523 9.30 10.37 26.01
C GLY A 523 9.38 9.09 26.82
N LYS A 524 8.40 8.88 27.71
CA LYS A 524 8.36 7.68 28.56
C LYS A 524 8.27 6.37 27.78
N TYR A 525 7.25 6.25 26.90
CA TYR A 525 6.98 5.01 26.19
C TYR A 525 7.85 4.76 24.97
N LEU A 526 7.98 5.76 24.10
CA LEU A 526 8.72 5.56 22.84
C LEU A 526 10.20 5.43 23.07
N PHE A 527 10.72 6.04 24.15
CA PHE A 527 12.17 6.07 24.35
C PHE A 527 12.67 5.35 25.62
N ASN A 528 11.84 4.45 26.16
CA ASN A 528 12.27 3.65 27.32
C ASN A 528 13.45 2.76 26.94
N TRP A 529 13.58 2.39 25.64
CA TRP A 529 14.73 1.59 25.16
C TRP A 529 16.07 2.32 25.36
N ALA A 530 16.05 3.65 25.39
CA ALA A 530 17.27 4.48 25.43
C ALA A 530 17.90 4.67 26.80
N VAL A 531 17.18 4.33 27.87
CA VAL A 531 17.69 4.50 29.23
C VAL A 531 18.04 3.22 29.93
N ARG A 532 19.03 3.29 30.85
CA ARG A 532 19.47 2.13 31.63
C ARG A 532 18.45 1.82 32.69
N THR A 533 18.02 2.84 33.44
CA THR A 533 16.99 2.65 34.47
C THR A 533 15.59 2.87 33.89
N LYS A 534 14.94 1.78 33.56
CA LYS A 534 13.64 1.73 32.91
C LYS A 534 12.51 2.21 33.77
N LEU A 535 11.54 2.83 33.13
CA LEU A 535 10.29 3.25 33.73
C LEU A 535 9.31 2.09 33.48
N LYS A 536 8.31 1.96 34.36
CA LYS A 536 7.28 0.92 34.26
C LYS A 536 6.26 1.39 33.25
N LEU A 537 6.10 0.63 32.17
CA LEU A 537 5.17 1.01 31.11
C LEU A 537 3.82 0.35 31.28
N THR A 538 2.88 1.12 31.84
CA THR A 538 1.52 0.64 32.10
C THR A 538 0.60 1.02 30.92
N PRO A 539 -0.55 0.33 30.72
CA PRO A 539 -1.43 0.72 29.60
C PRO A 539 -1.82 2.19 29.63
N ILE A 540 -1.69 2.88 28.48
CA ILE A 540 -2.01 4.31 28.38
C ILE A 540 -3.54 4.43 28.31
N ALA A 541 -4.16 5.27 29.17
CA ALA A 541 -5.62 5.44 29.15
C ALA A 541 -6.16 5.89 27.80
N ALA A 542 -5.44 6.80 27.11
CA ALA A 542 -5.85 7.30 25.80
C ALA A 542 -5.94 6.16 24.76
N ALA A 543 -5.15 5.05 24.94
CA ALA A 543 -5.16 3.94 23.97
C ALA A 543 -6.47 3.20 23.97
N GLY A 544 -7.08 3.05 25.15
CA GLY A 544 -8.37 2.39 25.28
C GLY A 544 -9.51 3.27 24.80
N ARG A 545 -9.35 4.61 24.92
CA ARG A 545 -10.41 5.56 24.53
C ARG A 545 -10.54 5.71 23.01
N LEU A 546 -9.41 5.66 22.27
CA LEU A 546 -9.44 5.84 20.83
C LEU A 546 -10.05 4.68 20.04
N ASP A 547 -10.30 4.90 18.74
CA ASP A 547 -10.68 3.86 17.80
C ASP A 547 -9.74 4.03 16.64
N LEU A 548 -8.89 3.03 16.39
CA LEU A 548 -7.87 3.12 15.34
C LEU A 548 -8.42 3.28 13.96
N SER A 549 -9.35 2.41 13.61
CA SER A 549 -9.95 2.37 12.28
C SER A 549 -10.69 3.64 11.92
N GLY A 550 -11.39 4.24 12.90
CA GLY A 550 -12.26 5.38 12.64
C GLY A 550 -11.87 6.78 13.04
N TRP A 551 -11.17 6.99 14.18
CA TRP A 551 -10.87 8.37 14.60
C TRP A 551 -9.88 9.12 13.70
N PHE A 552 -8.98 8.39 13.03
CA PHE A 552 -7.89 9.04 12.32
C PHE A 552 -7.99 9.04 10.82
N THR A 553 -9.07 8.52 10.26
CA THR A 553 -9.22 8.42 8.79
C THR A 553 -9.30 9.76 8.10
N ALA A 554 -8.67 9.86 6.93
CA ALA A 554 -8.70 11.07 6.15
C ALA A 554 -8.99 10.75 4.68
N GLY A 555 -9.66 9.63 4.43
CA GLY A 555 -10.04 9.27 3.08
C GLY A 555 -9.45 7.98 2.57
N TYR A 556 -9.78 7.65 1.32
CA TYR A 556 -9.33 6.40 0.74
C TYR A 556 -9.16 6.55 -0.76
N SER A 557 -8.09 5.93 -1.29
CA SER A 557 -7.87 5.83 -2.73
C SER A 557 -7.69 4.34 -3.03
N GLY A 558 -8.29 3.89 -4.12
CA GLY A 558 -8.19 2.49 -4.55
C GLY A 558 -6.87 2.16 -5.20
N GLY A 559 -6.18 3.19 -5.68
CA GLY A 559 -4.90 3.12 -6.34
C GLY A 559 -4.24 4.48 -6.35
N ASP A 560 -2.94 4.52 -6.64
CA ASP A 560 -2.10 5.72 -6.59
C ASP A 560 -2.70 7.16 -6.59
N ILE A 561 -3.06 7.71 -7.75
CA ILE A 561 -3.52 9.10 -8.03
C ILE A 561 -2.45 10.17 -7.72
N TYR A 562 -2.30 11.12 -8.66
CA TYR A 562 -1.36 12.22 -8.55
C TYR A 562 -1.78 13.16 -7.38
N HIS A 563 -0.80 13.62 -6.58
CA HIS A 563 -1.07 14.60 -5.52
C HIS A 563 -1.01 15.99 -6.21
N SER A 564 -2.13 16.77 -6.21
CA SER A 564 -2.18 18.08 -6.87
C SER A 564 -1.25 19.10 -6.25
#